data_8UFF
#
_entry.id   8UFF
#
_cell.length_a   42.913
_cell.length_b   60.292
_cell.length_c   44.393
_cell.angle_alpha   90.000
_cell.angle_beta   116.358
_cell.angle_gamma   90.000
#
_symmetry.space_group_name_H-M   'P 1 21 1'
#
loop_
_entity.id
_entity.type
_entity.pdbx_description
1 polymer "DNA (5'-D(*AP*AP*TP*AP*AP*AP*AP*GP*GP*AP*AP*GP*TP*GP*GP*G)-3')"
2 polymer "DNA (5'-D(*TP*CP*CP*CP*AP*CP*TP*TP*CP*CP*TP*TP*TP*TP*AP*T)-3')"
3 polymer 'Transcription factor PU.1'
4 non-polymer "(2M,2'M)-2,2'-(selenophene-2,5-diyl)di(1H-benzimidazole-6-carboximidamide)"
5 water water
#
loop_
_entity_poly.entity_id
_entity_poly.type
_entity_poly.pdbx_seq_one_letter_code
_entity_poly.pdbx_strand_id
1 'polydeoxyribonucleotide' (DA)(DA)(DT)(DA)(DA)(DA)(DA)(DG)(DG)(DA)(DA)(DG)(DT)(DG)(DG)(DG) C
2 'polydeoxyribonucleotide' (DT)(DC)(DC)(DC)(DA)(DC)(DT)(DT)(DC)(DC)(DT)(DT)(DT)(DT)(DA)(DT) D
3 'polypeptide(L)'
;GSKKKIRLYQFLLDLLRSGDMKDSIWWVDKDKGTFQFSSKHKEALAHRWGIQKGNRKKMTYQKMARALRNYGKTGEVKKV
KKKLTYQFSGEVLGRGGLAERRHPPH
;
F
#
loop_
_chem_comp.id
_chem_comp.type
_chem_comp.name
_chem_comp.formula
DA DNA linking 2'-DEOXYADENOSINE-5'-MONOPHOSPHATE 'C10 H14 N5 O6 P'
DC DNA linking 2'-DEOXYCYTIDINE-5'-MONOPHOSPHATE 'C9 H14 N3 O7 P'
DG DNA linking 2'-DEOXYGUANOSINE-5'-MONOPHOSPHATE 'C10 H14 N5 O7 P'
DT DNA linking THYMIDINE-5'-MONOPHOSPHATE 'C10 H15 N2 O8 P'
Y5U non-polymer (2M,2'M)-2,2'-(selenophene-2,5-diyl)di(1H-benzimidazole-6-carboximidamide) 'C20 H16 N8 Se'
#
# COMPACT_ATOMS: atom_id res chain seq x y z
N LYS C 5 -11.35 -11.24 5.61
CA LYS C 5 -10.27 -10.37 6.02
C LYS C 5 -10.01 -9.31 4.96
N ILE C 6 -9.52 -8.15 5.41
CA ILE C 6 -9.31 -7.03 4.51
C ILE C 6 -8.25 -7.38 3.47
N ARG C 7 -8.40 -6.84 2.26
CA ARG C 7 -7.39 -7.00 1.22
C ARG C 7 -6.33 -5.92 1.35
N LEU C 8 -5.12 -6.25 0.88
CA LEU C 8 -3.98 -5.34 1.03
C LEU C 8 -4.26 -3.99 0.39
N TYR C 9 -4.82 -3.96 -0.81
CA TYR C 9 -5.03 -2.64 -1.41
C TYR C 9 -6.03 -1.83 -0.60
N GLN C 10 -6.99 -2.49 0.03
CA GLN C 10 -7.96 -1.76 0.84
C GLN C 10 -7.33 -1.24 2.12
N PHE C 11 -6.46 -2.05 2.75
CA PHE C 11 -5.69 -1.60 3.92
C PHE C 11 -4.91 -0.32 3.60
N LEU C 12 -4.24 -0.29 2.46
CA LEU C 12 -3.45 0.89 2.11
C LEU C 12 -4.36 2.07 1.82
N LEU C 13 -5.43 1.85 1.07
CA LEU C 13 -6.32 2.98 0.78
C LEU C 13 -6.93 3.53 2.06
N ASP C 14 -7.33 2.64 2.97
CA ASP C 14 -7.86 3.07 4.25
C ASP C 14 -6.86 3.92 5.02
N LEU C 15 -5.60 3.49 5.03
CA LEU C 15 -4.56 4.27 5.71
C LEU C 15 -4.44 5.65 5.09
N LEU C 16 -4.44 5.72 3.77
CA LEU C 16 -4.30 7.01 3.11
C LEU C 16 -5.50 7.91 3.43
N ARG C 17 -6.69 7.31 3.56
CA ARG C 17 -7.87 8.12 3.85
C ARG C 17 -7.87 8.62 5.28
N SER C 18 -7.40 7.80 6.22
CA SER C 18 -7.45 8.14 7.64
C SER C 18 -6.32 9.06 8.03
N GLY C 19 -5.18 8.96 7.37
CA GLY C 19 -4.01 9.72 7.76
C GLY C 19 -3.30 9.19 8.98
N ASP C 20 -3.60 7.96 9.40
CA ASP C 20 -3.10 7.47 10.69
C ASP C 20 -1.60 7.25 10.69
N MET C 21 -0.98 7.00 9.54
CA MET C 21 0.44 6.72 9.43
C MET C 21 1.06 7.60 8.35
N LYS C 22 0.85 8.92 8.47
CA LYS C 22 1.27 9.83 7.41
C LYS C 22 2.78 9.88 7.21
N ASP C 23 3.57 9.46 8.20
CA ASP C 23 5.02 9.43 8.02
C ASP C 23 5.50 8.20 7.26
N SER C 24 4.62 7.23 7.00
CA SER C 24 4.99 6.01 6.30
C SER C 24 4.46 5.95 4.89
N ILE C 25 3.36 6.63 4.60
CA ILE C 25 2.73 6.53 3.28
C ILE C 25 2.01 7.84 3.01
N TRP C 26 1.99 8.25 1.74
CA TRP C 26 1.29 9.48 1.37
C TRP C 26 0.89 9.48 -0.09
N TRP C 27 -0.12 10.30 -0.38
CA TRP C 27 -0.51 10.52 -1.75
C TRP C 27 0.56 11.34 -2.46
N VAL C 28 0.79 11.02 -3.73
CA VAL C 28 1.61 11.85 -4.60
C VAL C 28 0.67 12.72 -5.42
N ASP C 29 -0.24 12.10 -6.16
CA ASP C 29 -1.34 12.80 -6.83
C ASP C 29 -2.61 12.01 -6.55
N LYS C 30 -3.41 12.45 -5.57
CA LYS C 30 -4.53 11.63 -5.15
C LYS C 30 -5.57 11.48 -6.25
N ASP C 31 -5.74 12.50 -7.11
CA ASP C 31 -6.68 12.41 -8.22
C ASP C 31 -6.32 11.28 -9.17
N LYS C 32 -5.02 11.04 -9.37
CA LYS C 32 -4.55 9.93 -10.18
C LYS C 32 -4.42 8.64 -9.39
N GLY C 33 -4.56 8.69 -8.07
CA GLY C 33 -4.38 7.51 -7.25
C GLY C 33 -2.95 7.08 -7.04
N THR C 34 -1.98 7.97 -7.23
CA THR C 34 -0.58 7.63 -7.02
C THR C 34 -0.17 7.91 -5.59
N PHE C 35 0.58 6.98 -5.00
CA PHE C 35 0.98 7.09 -3.60
C PHE C 35 2.38 6.52 -3.45
N GLN C 36 3.04 6.91 -2.35
CA GLN C 36 4.45 6.61 -2.16
C GLN C 36 4.69 6.22 -0.72
N PHE C 37 5.54 5.20 -0.54
CA PHE C 37 6.01 4.81 0.77
C PHE C 37 7.26 5.59 1.19
N SER C 38 7.36 5.80 2.49
CA SER C 38 8.56 6.32 3.11
C SER C 38 9.71 5.33 3.06
N SER C 39 10.87 5.77 2.55
CA SER C 39 12.05 4.91 2.60
C SER C 39 12.33 4.45 4.03
N LYS C 40 12.35 5.38 4.99
CA LYS C 40 12.78 5.08 6.34
C LYS C 40 11.68 4.54 7.24
N HIS C 41 10.40 4.78 6.94
CA HIS C 41 9.33 4.42 7.85
C HIS C 41 8.34 3.44 7.26
N LYS C 42 8.67 2.79 6.14
CA LYS C 42 7.74 1.85 5.54
C LYS C 42 7.64 0.55 6.33
N GLU C 43 8.71 0.16 7.03
CA GLU C 43 8.66 -1.13 7.74
C GLU C 43 7.60 -1.10 8.83
N ALA C 44 7.39 0.03 9.49
CA ALA C 44 6.37 0.06 10.54
C ALA C 44 4.98 -0.14 9.96
N LEU C 45 4.76 0.36 8.75
CA LEU C 45 3.50 0.12 8.07
C LEU C 45 3.38 -1.34 7.69
N ALA C 46 4.46 -1.95 7.20
CA ALA C 46 4.40 -3.38 6.88
C ALA C 46 4.12 -4.19 8.12
N HIS C 47 4.72 -3.84 9.24
CA HIS C 47 4.46 -4.60 10.47
C HIS C 47 2.98 -4.56 10.82
N ARG C 48 2.37 -3.39 10.69
CA ARG C 48 0.96 -3.25 11.01
C ARG C 48 0.08 -4.12 10.11
N TRP C 49 0.42 -4.21 8.82
CA TRP C 49 -0.30 -5.10 7.91
C TRP C 49 -0.27 -6.55 8.41
N GLY C 50 0.91 -7.04 8.80
CA GLY C 50 1.01 -8.42 9.23
C GLY C 50 0.22 -8.67 10.48
N ILE C 51 0.26 -7.71 11.40
CA ILE C 51 -0.49 -7.88 12.65
C ILE C 51 -1.98 -7.83 12.38
N GLN C 52 -2.42 -6.96 11.46
CA GLN C 52 -3.84 -6.92 11.12
C GLN C 52 -4.30 -8.25 10.54
N LYS C 53 -3.44 -8.88 9.74
CA LYS C 53 -3.77 -10.17 9.15
C LYS C 53 -3.62 -11.32 10.11
N GLY C 54 -2.94 -11.13 11.23
CA GLY C 54 -2.65 -12.24 12.11
C GLY C 54 -1.74 -13.29 11.52
N ASN C 55 -0.82 -12.88 10.65
CA ASN C 55 0.09 -13.83 10.02
C ASN C 55 1.06 -14.41 11.05
N ARG C 56 1.60 -15.58 10.72
CA ARG C 56 2.49 -16.26 11.64
C ARG C 56 3.81 -15.52 11.83
N LYS C 57 4.39 -15.00 10.74
CA LYS C 57 5.69 -14.33 10.81
C LYS C 57 5.51 -12.81 10.80
N LYS C 58 6.58 -12.12 11.22
CA LYS C 58 6.60 -10.68 11.12
C LYS C 58 6.58 -10.29 9.66
N MET C 59 5.69 -9.35 9.32
CA MET C 59 5.60 -8.87 7.95
C MET C 59 6.70 -7.85 7.69
N THR C 60 7.28 -7.90 6.50
CA THR C 60 8.30 -6.95 6.08
C THR C 60 7.79 -6.19 4.87
N TYR C 61 8.39 -5.01 4.64
CA TYR C 61 8.02 -4.30 3.42
C TYR C 61 8.29 -5.15 2.19
N GLN C 62 9.38 -5.91 2.20
CA GLN C 62 9.71 -6.72 1.03
C GLN C 62 8.59 -7.70 0.71
N LYS C 63 8.06 -8.38 1.74
CA LYS C 63 6.98 -9.34 1.52
C LYS C 63 5.69 -8.62 1.14
N MET C 64 5.47 -7.41 1.68
CA MET C 64 4.26 -6.68 1.35
C MET C 64 4.30 -6.23 -0.10
N ALA C 65 5.47 -5.79 -0.57
CA ALA C 65 5.60 -5.40 -1.96
C ALA C 65 5.55 -6.60 -2.89
N ARG C 66 5.99 -7.78 -2.44
CA ARG C 66 5.77 -8.99 -3.23
C ARG C 66 4.30 -9.23 -3.49
N ALA C 67 3.46 -9.06 -2.46
CA ALA C 67 2.02 -9.15 -2.67
C ALA C 67 1.53 -8.06 -3.60
N LEU C 68 2.01 -6.83 -3.41
CA LEU C 68 1.57 -5.73 -4.27
C LEU C 68 1.80 -6.03 -5.73
N ARG C 69 2.93 -6.67 -6.03
CA ARG C 69 3.26 -6.90 -7.42
C ARG C 69 2.26 -7.85 -8.08
N ASN C 70 1.60 -8.70 -7.29
CA ASN C 70 0.61 -9.59 -7.89
C ASN C 70 -0.63 -8.86 -8.36
N TYR C 71 -0.83 -7.60 -7.95
CA TYR C 71 -1.96 -6.86 -8.45
C TYR C 71 -1.68 -6.28 -9.82
N GLY C 72 -0.42 -6.33 -10.27
CA GLY C 72 -0.08 -5.70 -11.54
C GLY C 72 -0.93 -6.22 -12.68
N LYS C 73 -1.14 -7.53 -12.72
CA LYS C 73 -1.86 -8.12 -13.85
C LYS C 73 -3.35 -7.81 -13.78
N THR C 74 -3.95 -7.92 -12.59
CA THR C 74 -5.38 -7.69 -12.46
C THR C 74 -5.72 -6.21 -12.40
N GLY C 75 -4.79 -5.38 -11.93
CA GLY C 75 -4.86 -3.94 -12.13
C GLY C 75 -5.18 -3.11 -10.90
N GLU C 76 -5.43 -3.73 -9.74
CA GLU C 76 -5.86 -2.94 -8.59
C GLU C 76 -4.78 -1.93 -8.19
N VAL C 77 -3.52 -2.34 -8.32
CA VAL C 77 -2.37 -1.53 -7.95
C VAL C 77 -1.27 -1.79 -8.95
N LYS C 78 -0.69 -0.74 -9.51
CA LYS C 78 0.38 -0.88 -10.45
C LYS C 78 1.60 -0.11 -9.96
N LYS C 79 2.77 -0.65 -10.25
CA LYS C 79 4.00 0.05 -9.89
C LYS C 79 4.19 1.23 -10.84
N VAL C 80 4.59 2.37 -10.27
CA VAL C 80 4.95 3.58 -11.02
C VAL C 80 6.47 3.67 -11.07
N LYS C 81 6.99 4.24 -12.17
CA LYS C 81 8.43 4.37 -12.39
C LYS C 81 9.02 5.53 -11.58
N LYS C 82 8.84 5.43 -10.28
CA LYS C 82 9.28 6.42 -9.31
C LYS C 82 9.50 5.68 -8.01
N LYS C 83 10.48 6.15 -7.25
CA LYS C 83 10.90 5.43 -6.05
C LYS C 83 9.73 5.16 -5.13
N LEU C 84 9.50 3.89 -4.82
CA LEU C 84 8.55 3.47 -3.78
C LEU C 84 7.12 3.95 -4.09
N THR C 85 6.81 4.13 -5.36
CA THR C 85 5.54 4.72 -5.78
C THR C 85 4.70 3.72 -6.56
N TYR C 86 3.40 3.74 -6.29
CA TYR C 86 2.41 2.83 -6.84
C TYR C 86 1.17 3.64 -7.23
N GLN C 87 0.25 2.99 -7.95
CA GLN C 87 -0.98 3.65 -8.38
C GLN C 87 -2.17 2.72 -8.30
N PHE C 88 -3.22 3.16 -7.60
CA PHE C 88 -4.49 2.45 -7.57
C PHE C 88 -5.25 2.63 -8.87
N SER C 89 -6.05 1.62 -9.22
CA SER C 89 -6.97 1.74 -10.35
C SER C 89 -8.13 2.68 -10.02
N GLY C 90 -8.75 3.21 -11.08
CA GLY C 90 -10.00 3.95 -10.91
C GLY C 90 -11.07 3.15 -10.20
N GLU C 91 -11.18 1.86 -10.51
CA GLU C 91 -12.19 1.02 -9.86
C GLU C 91 -11.96 0.97 -8.36
N VAL C 92 -10.70 0.76 -7.95
CA VAL C 92 -10.36 0.72 -6.55
C VAL C 92 -10.67 2.04 -5.88
N LEU C 93 -10.32 3.16 -6.52
CA LEU C 93 -10.53 4.47 -5.93
C LEU C 93 -12.02 4.81 -5.84
N GLY C 94 -12.80 4.34 -6.81
CA GLY C 94 -14.23 4.60 -6.76
C GLY C 94 -14.93 3.77 -5.70
N ARG C 95 -14.63 2.47 -5.69
CA ARG C 95 -15.33 1.50 -4.84
C ARG C 95 -14.88 1.54 -3.40
C1 Y5U D . 18.20 3.01 -4.88
C2 Y5U D . 17.43 2.45 -6.03
C3 Y5U D . 16.51 3.27 -6.70
C4 Y5U D . 15.78 2.81 -7.77
C5 Y5U D . 15.98 1.50 -8.18
C6 Y5U D . 15.96 -0.47 -9.17
C7 Y5U D . 15.64 -1.54 -10.09
C8 Y5U D . 14.91 -1.50 -11.27
C9 Y5U D . 14.80 -2.71 -11.95
C10 Y5U D . 15.33 -3.81 -11.29
C11 Y5U D . 15.24 -5.21 -11.66
C12 Y5U D . 14.91 -7.04 -12.84
C13 Y5U D . 14.63 -8.00 -13.81
C14 Y5U D . 14.71 -9.31 -13.47
C15 Y5U D . 15.06 -9.72 -12.16
C16 Y5U D . 15.12 -11.17 -11.83
C17 Y5U D . 15.33 -8.77 -11.19
C18 Y5U D . 15.25 -7.44 -11.54
C19 Y5U D . 16.91 0.68 -7.52
C20 Y5U D . 17.63 1.14 -6.45
SE1 Y5U D . 16.24 -3.28 -9.75
N1 Y5U D . 18.28 4.30 -4.68
N2 Y5U D . 18.80 2.20 -4.04
N3 Y5U D . 15.39 0.79 -9.22
N4 Y5U D . 14.89 -5.65 -12.91
N5 Y5U D . 15.00 -12.08 -12.77
N6 Y5U D . 15.26 -11.57 -10.60
N7 Y5U D . 15.45 -6.27 -10.83
N8 Y5U D . 16.87 -0.54 -8.17
H4 Y5U D . 16.39 4.15 -6.42
H5 Y5U D . 15.16 3.35 -8.21
H6 Y5U D . 14.52 -0.69 -11.59
H7 Y5U D . 14.39 -2.79 -12.80
H8 Y5U D . 14.40 -7.73 -14.68
H9 Y5U D . 14.53 -9.96 -14.12
H13 Y5U D . 15.56 -9.04 -10.33
H16 Y5U D . 18.25 0.59 -6.01
H1 Y5U D . 17.87 4.86 -5.24
H2 Y5U D . 19.25 2.53 -3.36
H3 Y5U D . 18.77 1.33 -4.15
H10 Y5U D . 14.90 -11.84 -13.62
H12 Y5U D . 15.26 -12.43 -10.40
H11 Y5U D . 15.34 -10.98 -9.95
H14 Y5U D . 15.67 -6.20 -9.99
H15 Y5U D . 17.34 -1.25 -7.96
H18 Y5U D . 18.73 4.62 -4.00
H17 Y5U D . 15.01 -12.95 -12.56
#